data_3GL3
#
_entry.id   3GL3
#
_cell.length_a   82.197
_cell.length_b   42.067
_cell.length_c   82.522
_cell.angle_alpha   90.00
_cell.angle_beta   108.77
_cell.angle_gamma   90.00
#
_symmetry.space_group_name_H-M   'P 1 21 1'
#
loop_
_entity.id
_entity.type
_entity.pdbx_description
1 polymer 'Putative Thiol:disulfide interchange protein DsbE'
2 water water
#
_entity_poly.entity_id   1
_entity_poly.type   'polypeptide(L)'
_entity_poly.pdbx_seq_one_letter_code
;(MSE)SLDKGDKAPDFALPGKTGVVKLSDKTGSVVYLDFWASWCGPCRQSFPW(MSE)NQ(MSE)QAKYKAKGFQVVAVN
LDAKTGDA(MSE)KFLAQVPAEFTVAFDPKGQTPRLYGVKG(MSE)PTSFLIDRNGKVLLQHVGFRPADKEALEQQILAA
LGGNEGHHHHHH
;
_entity_poly.pdbx_strand_id   A,B,C,D
#
# COMPACT_ATOMS: atom_id res chain seq x y z
N SER A 2 15.17 7.50 -8.91
CA SER A 2 14.18 7.96 -9.93
C SER A 2 14.86 8.61 -11.14
N LEU A 3 15.08 7.82 -12.18
CA LEU A 3 15.72 8.36 -13.38
C LEU A 3 14.64 8.58 -14.44
N ASP A 4 14.87 9.52 -15.34
CA ASP A 4 13.91 9.76 -16.41
C ASP A 4 14.62 9.41 -17.71
N LYS A 5 13.85 9.02 -18.73
CA LYS A 5 14.45 8.70 -20.01
C LYS A 5 15.31 9.91 -20.36
N GLY A 6 16.52 9.68 -20.82
CA GLY A 6 17.40 10.78 -21.17
C GLY A 6 18.48 11.02 -20.12
N ASP A 7 18.19 10.68 -18.86
CA ASP A 7 19.15 10.84 -17.77
C ASP A 7 20.31 9.86 -17.89
N LYS A 8 21.50 10.30 -17.46
CA LYS A 8 22.68 9.44 -17.49
C LYS A 8 22.51 8.32 -16.46
N ALA A 9 22.82 7.10 -16.85
CA ALA A 9 22.72 5.97 -15.95
C ALA A 9 23.89 6.05 -14.97
N PRO A 10 23.61 6.00 -13.66
CA PRO A 10 24.69 6.08 -12.65
C PRO A 10 25.76 5.00 -12.87
N ASP A 11 27.03 5.38 -12.79
CA ASP A 11 28.08 4.42 -12.99
C ASP A 11 28.26 3.60 -11.71
N PHE A 12 28.95 2.48 -11.84
CA PHE A 12 29.21 1.62 -10.69
C PHE A 12 30.35 0.69 -10.99
N ALA A 13 30.92 0.14 -9.93
CA ALA A 13 32.04 -0.77 -10.04
C ALA A 13 31.69 -1.86 -9.03
N LEU A 14 31.33 -3.03 -9.52
CA LEU A 14 30.94 -4.13 -8.64
C LEU A 14 31.77 -5.35 -8.92
N PRO A 15 31.87 -6.25 -7.94
CA PRO A 15 32.65 -7.45 -8.20
C PRO A 15 31.90 -8.36 -9.19
N GLY A 16 32.67 -9.15 -9.93
CA GLY A 16 32.09 -10.06 -10.90
C GLY A 16 32.63 -11.43 -10.57
N LYS A 17 32.44 -12.38 -11.47
CA LYS A 17 32.93 -13.73 -11.26
C LYS A 17 34.40 -13.75 -11.65
N THR A 18 34.75 -12.98 -12.66
CA THR A 18 36.11 -12.87 -13.18
C THR A 18 36.90 -11.77 -12.49
N GLY A 19 36.30 -10.59 -12.39
CA GLY A 19 36.96 -9.46 -11.77
C GLY A 19 35.96 -8.36 -11.44
N VAL A 20 36.30 -7.13 -11.78
CA VAL A 20 35.42 -6.01 -11.50
C VAL A 20 34.55 -5.70 -12.71
N VAL A 21 33.34 -5.21 -12.47
CA VAL A 21 32.43 -4.86 -13.53
C VAL A 21 32.01 -3.39 -13.36
N LYS A 22 32.26 -2.60 -14.39
CA LYS A 22 31.93 -1.18 -14.37
C LYS A 22 31.03 -0.83 -15.54
N LEU A 23 29.92 -0.14 -15.27
CA LEU A 23 29.01 0.23 -16.33
C LEU A 23 29.76 1.07 -17.37
N SER A 24 30.71 1.88 -16.89
CA SER A 24 31.47 2.75 -17.77
C SER A 24 32.34 1.99 -18.76
N ASP A 25 32.62 0.71 -18.50
CA ASP A 25 33.42 -0.04 -19.45
C ASP A 25 32.54 -0.47 -20.63
N LYS A 26 31.23 -0.25 -20.50
CA LYS A 26 30.29 -0.62 -21.55
C LYS A 26 29.83 0.58 -22.39
N THR A 27 30.46 1.74 -22.21
CA THR A 27 30.07 2.92 -22.99
C THR A 27 30.26 2.54 -24.44
N GLY A 28 29.38 3.05 -25.30
CA GLY A 28 29.49 2.73 -26.71
C GLY A 28 28.56 1.59 -27.09
N SER A 29 28.32 0.68 -26.15
CA SER A 29 27.42 -0.46 -26.39
C SER A 29 26.04 -0.14 -25.83
N VAL A 30 25.01 -0.72 -26.44
CA VAL A 30 23.66 -0.56 -25.92
C VAL A 30 23.66 -1.58 -24.78
N VAL A 31 23.22 -1.16 -23.60
CA VAL A 31 23.21 -2.07 -22.46
C VAL A 31 21.84 -2.35 -21.89
N TYR A 32 21.61 -3.61 -21.56
CA TYR A 32 20.36 -4.06 -20.95
C TYR A 32 20.80 -4.38 -19.53
N LEU A 33 20.50 -3.48 -18.60
CA LEU A 33 20.89 -3.64 -17.21
C LEU A 33 19.78 -4.29 -16.41
N ASP A 34 20.06 -5.47 -15.86
CA ASP A 34 19.04 -6.19 -15.10
C ASP A 34 19.37 -6.28 -13.60
N PHE A 35 18.34 -6.14 -12.77
CA PHE A 35 18.49 -6.24 -11.33
C PHE A 35 17.71 -7.49 -10.96
N TRP A 36 18.44 -8.51 -10.54
CA TRP A 36 17.83 -9.79 -10.22
C TRP A 36 18.35 -10.42 -8.92
N ALA A 37 17.69 -11.51 -8.52
CA ALA A 37 18.05 -12.27 -7.33
C ALA A 37 17.59 -13.72 -7.53
N SER A 38 18.32 -14.67 -6.95
CA SER A 38 17.99 -16.09 -7.10
C SER A 38 16.64 -16.51 -6.57
N TRP A 39 16.11 -15.77 -5.58
CA TRP A 39 14.82 -16.13 -5.01
C TRP A 39 13.64 -15.61 -5.82
N CYS A 40 13.90 -14.69 -6.74
CA CYS A 40 12.84 -14.08 -7.55
C CYS A 40 12.45 -14.98 -8.73
N GLY A 41 11.27 -15.58 -8.63
CA GLY A 41 10.76 -16.48 -9.66
C GLY A 41 10.89 -15.97 -11.10
N PRO A 42 10.34 -14.78 -11.42
CA PRO A 42 10.44 -14.26 -12.77
C PRO A 42 11.83 -14.26 -13.39
N CYS A 43 12.87 -14.21 -12.55
CA CYS A 43 14.23 -14.22 -13.07
C CYS A 43 14.58 -15.55 -13.74
N ARG A 44 13.90 -16.62 -13.35
CA ARG A 44 14.18 -17.90 -13.96
C ARG A 44 13.64 -17.88 -15.39
N GLN A 45 12.66 -17.02 -15.65
CA GLN A 45 12.11 -16.90 -16.99
C GLN A 45 12.89 -15.85 -17.80
N SER A 46 13.35 -14.81 -17.14
CA SER A 46 14.10 -13.74 -17.81
C SER A 46 15.47 -14.19 -18.30
N PHE A 47 16.13 -15.07 -17.58
CA PHE A 47 17.47 -15.50 -17.97
C PHE A 47 17.56 -16.19 -19.32
N PRO A 48 16.66 -17.14 -19.59
CA PRO A 48 16.78 -17.77 -20.91
C PRO A 48 16.63 -16.72 -22.01
N TRP A 49 15.68 -15.81 -21.82
CA TRP A 49 15.41 -14.74 -22.77
C TRP A 49 16.60 -13.78 -22.90
N MSE A 50 17.23 -13.43 -21.77
CA MSE A 50 18.39 -12.53 -21.85
C MSE A 50 19.55 -13.22 -22.57
O MSE A 50 20.33 -12.57 -23.24
CB MSE A 50 18.82 -12.05 -20.45
CG MSE A 50 17.82 -11.07 -19.79
SE MSE A 50 18.43 -10.33 -18.20
CE MSE A 50 18.10 -11.60 -17.13
N ASN A 51 19.64 -14.55 -22.44
CA ASN A 51 20.69 -15.30 -23.12
C ASN A 51 20.43 -15.24 -24.62
N GLN A 52 19.16 -15.30 -24.97
CA GLN A 52 18.76 -15.25 -26.38
C GLN A 52 19.05 -13.87 -26.97
N MSE A 53 18.68 -12.81 -26.24
CA MSE A 53 18.93 -11.47 -26.75
C MSE A 53 20.44 -11.21 -26.91
O MSE A 53 20.88 -10.63 -27.92
CB MSE A 53 18.29 -10.43 -25.83
CG MSE A 53 16.76 -10.47 -25.79
SE MSE A 53 15.90 -10.10 -27.38
CE MSE A 53 15.60 -11.80 -27.98
N GLN A 54 21.23 -11.68 -25.94
CA GLN A 54 22.68 -11.48 -26.01
C GLN A 54 23.26 -12.13 -27.25
N ALA A 55 22.87 -13.38 -27.52
CA ALA A 55 23.39 -14.10 -28.69
C ALA A 55 22.92 -13.46 -29.99
N LYS A 56 21.66 -13.04 -29.99
CA LYS A 56 21.10 -12.45 -31.19
C LYS A 56 21.66 -11.08 -31.55
N TYR A 57 21.99 -10.26 -30.54
CA TYR A 57 22.47 -8.92 -30.83
C TYR A 57 23.86 -8.49 -30.41
N LYS A 58 24.65 -9.39 -29.84
CA LYS A 58 25.99 -9.01 -29.41
C LYS A 58 26.80 -8.40 -30.55
N ALA A 59 26.66 -8.96 -31.75
CA ALA A 59 27.39 -8.49 -32.91
C ALA A 59 27.13 -7.03 -33.21
N LYS A 60 26.01 -6.51 -32.73
CA LYS A 60 25.67 -5.11 -32.99
C LYS A 60 26.11 -4.16 -31.88
N GLY A 61 26.85 -4.68 -30.91
CA GLY A 61 27.33 -3.86 -29.82
C GLY A 61 26.32 -3.79 -28.70
N PHE A 62 25.75 -4.97 -28.39
CA PHE A 62 24.74 -5.11 -27.36
C PHE A 62 25.27 -5.97 -26.22
N GLN A 63 25.02 -5.56 -24.98
CA GLN A 63 25.48 -6.31 -23.83
C GLN A 63 24.49 -6.33 -22.68
N VAL A 64 24.28 -7.51 -22.11
CA VAL A 64 23.39 -7.65 -20.98
C VAL A 64 24.29 -7.59 -19.76
N VAL A 65 23.92 -6.77 -18.78
CA VAL A 65 24.68 -6.67 -17.55
C VAL A 65 23.67 -6.98 -16.46
N ALA A 66 23.86 -8.10 -15.78
CA ALA A 66 22.91 -8.52 -14.75
C ALA A 66 23.47 -8.39 -13.35
N VAL A 67 23.02 -7.36 -12.66
CA VAL A 67 23.46 -7.09 -11.31
C VAL A 67 22.66 -7.92 -10.32
N ASN A 68 23.35 -8.83 -9.65
CA ASN A 68 22.69 -9.68 -8.70
C ASN A 68 22.54 -8.99 -7.35
N LEU A 69 21.41 -9.25 -6.69
CA LEU A 69 21.12 -8.66 -5.40
C LEU A 69 20.92 -9.65 -4.25
N ASP A 70 21.39 -10.89 -4.42
CA ASP A 70 21.27 -11.88 -3.35
C ASP A 70 22.13 -11.45 -2.14
N ALA A 71 21.64 -11.68 -0.93
CA ALA A 71 22.36 -11.33 0.28
C ALA A 71 23.78 -11.91 0.26
N LYS A 72 23.91 -13.14 -0.20
CA LYS A 72 25.21 -13.78 -0.29
C LYS A 72 25.47 -14.11 -1.75
N THR A 73 26.61 -13.67 -2.29
CA THR A 73 26.90 -13.97 -3.68
C THR A 73 26.97 -15.48 -3.85
N GLY A 74 27.31 -16.19 -2.78
CA GLY A 74 27.38 -17.63 -2.85
C GLY A 74 26.07 -18.24 -3.31
N ASP A 75 24.95 -17.69 -2.84
CA ASP A 75 23.65 -18.22 -3.24
C ASP A 75 23.39 -17.88 -4.70
N ALA A 76 23.89 -16.73 -5.13
CA ALA A 76 23.76 -16.31 -6.51
C ALA A 76 24.57 -17.30 -7.33
N MSE A 77 25.76 -17.65 -6.83
CA MSE A 77 26.62 -18.58 -7.56
C MSE A 77 25.92 -19.93 -7.71
O MSE A 77 26.07 -20.59 -8.73
CB MSE A 77 27.99 -18.74 -6.87
CG MSE A 77 28.92 -17.51 -6.99
SE MSE A 77 29.41 -17.00 -8.68
CE MSE A 77 30.43 -18.36 -9.13
N LYS A 78 25.15 -20.34 -6.70
CA LYS A 78 24.41 -21.59 -6.77
C LYS A 78 23.43 -21.51 -7.94
N PHE A 79 22.69 -20.40 -7.97
CA PHE A 79 21.70 -20.15 -9.02
C PHE A 79 22.38 -20.25 -10.39
N LEU A 80 23.50 -19.54 -10.54
CA LEU A 80 24.23 -19.53 -11.80
C LEU A 80 24.83 -20.89 -12.15
N ALA A 81 24.98 -21.75 -11.15
CA ALA A 81 25.53 -23.08 -11.37
C ALA A 81 24.50 -23.96 -12.09
N GLN A 82 23.23 -23.61 -11.96
CA GLN A 82 22.14 -24.38 -12.58
C GLN A 82 21.47 -23.61 -13.72
N VAL A 83 21.73 -22.31 -13.79
CA VAL A 83 21.11 -21.46 -14.81
C VAL A 83 22.14 -20.72 -15.67
N PRO A 84 22.33 -21.17 -16.91
CA PRO A 84 23.29 -20.51 -17.79
C PRO A 84 23.09 -18.99 -17.85
N ALA A 85 24.20 -18.27 -17.82
CA ALA A 85 24.16 -16.81 -17.92
C ALA A 85 25.32 -16.48 -18.83
N GLU A 86 25.01 -16.32 -20.10
CA GLU A 86 26.01 -16.04 -21.10
C GLU A 86 26.18 -14.54 -21.31
N PHE A 87 26.28 -13.82 -20.20
CA PHE A 87 26.46 -12.38 -20.22
C PHE A 87 27.13 -11.93 -18.93
N THR A 88 27.53 -10.67 -18.88
CA THR A 88 28.17 -10.13 -17.71
C THR A 88 27.26 -10.17 -16.49
N VAL A 89 27.79 -10.68 -15.38
CA VAL A 89 27.06 -10.75 -14.15
C VAL A 89 27.85 -10.00 -13.07
N ALA A 90 27.19 -9.12 -12.33
CA ALA A 90 27.86 -8.39 -11.25
C ALA A 90 27.12 -8.75 -9.98
N PHE A 91 27.79 -8.60 -8.83
CA PHE A 91 27.19 -8.91 -7.54
C PHE A 91 27.16 -7.70 -6.63
N ASP A 92 25.98 -7.37 -6.13
CA ASP A 92 25.82 -6.22 -5.26
C ASP A 92 25.10 -6.65 -3.98
N PRO A 93 25.76 -7.50 -3.16
CA PRO A 93 25.13 -7.97 -1.93
C PRO A 93 24.68 -6.86 -0.97
N LYS A 94 25.34 -5.71 -1.01
CA LYS A 94 24.95 -4.61 -0.14
C LYS A 94 23.70 -3.93 -0.71
N GLY A 95 23.44 -4.15 -1.99
CA GLY A 95 22.28 -3.56 -2.62
C GLY A 95 22.37 -2.06 -2.81
N GLN A 96 23.57 -1.57 -3.13
CA GLN A 96 23.79 -0.14 -3.32
C GLN A 96 23.28 0.40 -4.66
N THR A 97 23.50 -0.35 -5.74
CA THR A 97 23.07 0.13 -7.05
C THR A 97 21.57 0.30 -7.29
N PRO A 98 20.75 -0.69 -6.90
CA PRO A 98 19.31 -0.51 -7.14
C PRO A 98 18.74 0.81 -6.58
N ARG A 99 19.28 1.27 -5.45
CA ARG A 99 18.80 2.53 -4.86
C ARG A 99 19.21 3.68 -5.77
N LEU A 100 20.45 3.62 -6.26
CA LEU A 100 20.97 4.66 -7.16
C LEU A 100 20.09 4.77 -8.40
N TYR A 101 19.56 3.63 -8.85
CA TYR A 101 18.72 3.61 -10.05
C TYR A 101 17.23 3.78 -9.81
N GLY A 102 16.83 3.93 -8.56
CA GLY A 102 15.42 4.08 -8.29
C GLY A 102 14.61 2.83 -8.58
N VAL A 103 15.23 1.66 -8.41
CA VAL A 103 14.54 0.39 -8.65
C VAL A 103 13.38 0.26 -7.65
N LYS A 104 12.19 -0.05 -8.14
CA LYS A 104 11.01 -0.17 -7.28
C LYS A 104 10.33 -1.54 -7.37
N GLY A 105 10.99 -2.49 -8.01
CA GLY A 105 10.41 -3.81 -8.13
C GLY A 105 11.46 -4.81 -8.52
N MSE A 106 11.20 -6.08 -8.22
CA MSE A 106 12.14 -7.13 -8.57
C MSE A 106 11.46 -8.15 -9.45
O MSE A 106 10.48 -8.76 -9.08
CB MSE A 106 12.67 -7.79 -7.29
CG MSE A 106 13.64 -6.90 -6.54
SE MSE A 106 15.13 -6.61 -7.52
CE MSE A 106 15.80 -8.28 -7.48
N PRO A 107 12.01 -8.36 -10.65
CA PRO A 107 13.19 -7.67 -11.15
C PRO A 107 12.84 -6.32 -11.78
N THR A 108 13.88 -5.57 -12.13
CA THR A 108 13.71 -4.30 -12.85
C THR A 108 14.90 -4.26 -13.78
N SER A 109 14.65 -3.82 -15.01
CA SER A 109 15.72 -3.74 -15.97
C SER A 109 15.71 -2.37 -16.64
N PHE A 110 16.86 -1.97 -17.14
CA PHE A 110 16.99 -0.68 -17.83
C PHE A 110 17.65 -0.90 -19.18
N LEU A 111 17.23 -0.12 -20.17
CA LEU A 111 17.86 -0.18 -21.47
C LEU A 111 18.66 1.12 -21.48
N ILE A 112 19.94 1.02 -21.76
CA ILE A 112 20.83 2.17 -21.76
C ILE A 112 21.48 2.34 -23.14
N ASP A 113 21.38 3.54 -23.71
CA ASP A 113 21.96 3.80 -25.04
C ASP A 113 23.47 3.87 -25.01
N ARG A 114 24.06 3.94 -26.20
CA ARG A 114 25.50 4.00 -26.35
C ARG A 114 26.15 5.18 -25.64
N ASN A 115 25.38 6.21 -25.32
CA ASN A 115 25.93 7.38 -24.62
C ASN A 115 25.76 7.26 -23.11
N GLY A 116 25.28 6.11 -22.67
CA GLY A 116 25.09 5.87 -21.24
C GLY A 116 23.84 6.49 -20.64
N LYS A 117 22.88 6.85 -21.49
CA LYS A 117 21.65 7.45 -21.01
C LYS A 117 20.49 6.44 -21.00
N VAL A 118 19.58 6.63 -20.05
CA VAL A 118 18.44 5.73 -19.91
C VAL A 118 17.40 5.86 -21.02
N LEU A 119 17.05 4.74 -21.63
CA LEU A 119 16.04 4.69 -22.68
C LEU A 119 14.72 4.19 -22.10
N LEU A 120 14.80 3.34 -21.09
CA LEU A 120 13.60 2.81 -20.47
C LEU A 120 13.86 2.08 -19.14
N GLN A 121 12.80 1.97 -18.35
CA GLN A 121 12.84 1.27 -17.06
C GLN A 121 11.68 0.27 -17.11
N HIS A 122 11.99 -1.01 -17.00
CA HIS A 122 10.97 -2.05 -17.07
C HIS A 122 10.84 -2.81 -15.75
N VAL A 123 9.65 -2.80 -15.17
CA VAL A 123 9.44 -3.47 -13.90
C VAL A 123 8.82 -4.85 -14.11
N GLY A 124 9.38 -5.84 -13.41
CA GLY A 124 8.89 -7.20 -13.50
C GLY A 124 9.25 -7.90 -14.79
N PHE A 125 8.83 -9.15 -14.93
CA PHE A 125 9.09 -9.89 -16.16
C PHE A 125 8.09 -10.98 -16.38
N ARG A 126 7.46 -10.97 -17.54
CA ARG A 126 6.50 -11.99 -17.90
C ARG A 126 6.64 -12.19 -19.41
N PRO A 127 6.40 -13.42 -19.88
CA PRO A 127 6.51 -13.75 -21.30
C PRO A 127 5.89 -12.71 -22.23
N ALA A 128 4.87 -12.01 -21.74
CA ALA A 128 4.22 -10.99 -22.54
C ALA A 128 5.10 -9.76 -22.74
N ASP A 129 6.17 -9.64 -21.94
CA ASP A 129 7.08 -8.50 -22.04
C ASP A 129 8.11 -8.65 -23.16
N LYS A 130 8.50 -9.90 -23.45
CA LYS A 130 9.52 -10.20 -24.45
C LYS A 130 9.47 -9.48 -25.79
N GLU A 131 8.28 -9.39 -26.40
CA GLU A 131 8.15 -8.75 -27.70
C GLU A 131 8.42 -7.25 -27.70
N ALA A 132 7.80 -6.52 -26.78
CA ALA A 132 7.99 -5.08 -26.69
C ALA A 132 9.43 -4.76 -26.30
N LEU A 133 9.98 -5.55 -25.38
CA LEU A 133 11.37 -5.33 -24.95
C LEU A 133 12.35 -5.50 -26.12
N GLU A 134 12.18 -6.57 -26.90
CA GLU A 134 13.08 -6.78 -28.03
C GLU A 134 12.91 -5.66 -29.06
N GLN A 135 11.70 -5.14 -29.23
CA GLN A 135 11.48 -4.05 -30.18
C GLN A 135 12.31 -2.84 -29.75
N GLN A 136 12.31 -2.56 -28.45
CA GLN A 136 13.07 -1.43 -27.91
C GLN A 136 14.56 -1.64 -28.11
N ILE A 137 15.03 -2.85 -27.85
CA ILE A 137 16.44 -3.19 -28.00
C ILE A 137 16.83 -2.98 -29.47
N LEU A 138 16.03 -3.57 -30.35
CA LEU A 138 16.27 -3.47 -31.78
C LEU A 138 16.38 -2.02 -32.23
N ALA A 139 15.49 -1.17 -31.74
CA ALA A 139 15.51 0.24 -32.12
C ALA A 139 16.82 0.90 -31.64
N ALA A 140 17.16 0.69 -30.38
CA ALA A 140 18.38 1.28 -29.81
C ALA A 140 19.63 0.90 -30.61
N LEU A 141 19.59 -0.26 -31.24
CA LEU A 141 20.71 -0.74 -32.02
C LEU A 141 20.67 -0.20 -33.46
N GLY A 142 19.68 0.62 -33.76
CA GLY A 142 19.55 1.19 -35.09
C GLY A 142 18.95 0.23 -36.10
N LEU B 3 -11.52 -6.22 16.54
CA LEU B 3 -12.74 -6.91 17.07
C LEU B 3 -13.23 -7.93 16.05
N ASP B 4 -13.75 -9.05 16.54
CA ASP B 4 -14.28 -10.09 15.69
C ASP B 4 -15.78 -10.21 15.99
N LYS B 5 -16.54 -10.76 15.05
CA LYS B 5 -17.96 -10.95 15.26
C LYS B 5 -18.09 -11.72 16.56
N GLY B 6 -18.94 -11.25 17.46
CA GLY B 6 -19.11 -11.92 18.74
C GLY B 6 -18.47 -11.18 19.89
N ASP B 7 -17.40 -10.45 19.63
CA ASP B 7 -16.73 -9.70 20.68
C ASP B 7 -17.62 -8.55 21.12
N LYS B 8 -17.41 -8.10 22.36
CA LYS B 8 -18.20 -7.00 22.90
C LYS B 8 -17.67 -5.68 22.35
N ALA B 9 -18.60 -4.87 21.84
CA ALA B 9 -18.22 -3.58 21.30
C ALA B 9 -17.68 -2.72 22.45
N PRO B 10 -16.46 -2.20 22.32
CA PRO B 10 -15.91 -1.36 23.39
C PRO B 10 -16.84 -0.21 23.69
N ASP B 11 -17.07 0.06 24.97
CA ASP B 11 -17.95 1.15 25.35
C ASP B 11 -17.20 2.46 25.31
N PHE B 12 -17.95 3.55 25.24
CA PHE B 12 -17.33 4.87 25.21
C PHE B 12 -18.31 5.91 25.71
N ALA B 13 -17.77 7.06 26.06
CA ALA B 13 -18.55 8.17 26.56
C ALA B 13 -18.03 9.39 25.81
N LEU B 14 -18.77 9.79 24.78
CA LEU B 14 -18.35 10.93 23.97
C LEU B 14 -19.31 12.09 24.06
N PRO B 15 -18.81 13.32 23.80
CA PRO B 15 -19.69 14.47 23.88
C PRO B 15 -20.71 14.44 22.76
N GLY B 16 -21.89 14.95 23.05
CA GLY B 16 -22.95 15.00 22.07
C GLY B 16 -23.34 16.45 21.86
N LYS B 17 -24.45 16.67 21.16
CA LYS B 17 -24.94 18.00 20.90
C LYS B 17 -25.77 18.43 22.11
N THR B 18 -26.33 17.43 22.77
CA THR B 18 -27.17 17.61 23.94
C THR B 18 -26.38 17.46 25.24
N GLY B 19 -25.63 16.38 25.35
CA GLY B 19 -24.84 16.11 26.53
C GLY B 19 -23.83 15.03 26.18
N VAL B 20 -23.86 13.91 26.91
CA VAL B 20 -22.93 12.80 26.65
C VAL B 20 -23.62 11.62 25.99
N VAL B 21 -22.89 10.89 25.16
CA VAL B 21 -23.39 9.72 24.46
C VAL B 21 -22.56 8.50 24.86
N LYS B 22 -23.21 7.48 25.40
CA LYS B 22 -22.52 6.27 25.84
C LYS B 22 -23.10 5.05 25.14
N LEU B 23 -22.25 4.21 24.58
CA LEU B 23 -22.73 3.02 23.88
C LEU B 23 -23.56 2.15 24.82
N SER B 24 -23.12 2.07 26.07
CA SER B 24 -23.81 1.26 27.07
C SER B 24 -25.29 1.63 27.26
N ASP B 25 -25.60 2.92 27.13
CA ASP B 25 -26.98 3.38 27.30
C ASP B 25 -27.89 2.81 26.21
N LYS B 26 -27.29 2.26 25.16
CA LYS B 26 -28.03 1.72 24.05
C LYS B 26 -28.22 0.20 24.15
N THR B 27 -27.79 -0.38 25.26
CA THR B 27 -27.94 -1.82 25.47
C THR B 27 -29.43 -2.15 25.42
N GLY B 28 -29.76 -3.24 24.75
CA GLY B 28 -31.16 -3.62 24.65
C GLY B 28 -31.67 -3.40 23.24
N SER B 29 -31.08 -2.43 22.56
CA SER B 29 -31.45 -2.11 21.19
C SER B 29 -30.37 -2.51 20.21
N VAL B 30 -30.77 -2.90 19.00
CA VAL B 30 -29.82 -3.23 17.95
C VAL B 30 -29.23 -1.86 17.64
N VAL B 31 -27.91 -1.78 17.55
CA VAL B 31 -27.27 -0.50 17.28
C VAL B 31 -26.49 -0.50 15.97
N TYR B 32 -26.67 0.56 15.19
CA TYR B 32 -25.93 0.75 13.95
C TYR B 32 -24.96 1.88 14.31
N LEU B 33 -23.72 1.51 14.59
CA LEU B 33 -22.71 2.49 14.95
C LEU B 33 -21.99 2.90 13.68
N ASP B 34 -21.91 4.20 13.44
CA ASP B 34 -21.25 4.70 12.24
C ASP B 34 -20.11 5.66 12.58
N PHE B 35 -19.01 5.55 11.85
CA PHE B 35 -17.86 6.43 12.04
C PHE B 35 -17.80 7.28 10.77
N TRP B 36 -18.03 8.58 10.92
CA TRP B 36 -18.06 9.47 9.76
C TRP B 36 -17.31 10.78 9.98
N ALA B 37 -17.20 11.57 8.91
CA ALA B 37 -16.56 12.88 8.94
C ALA B 37 -17.17 13.71 7.81
N SER B 38 -17.25 15.02 8.01
CA SER B 38 -17.85 15.91 7.03
C SER B 38 -17.18 15.96 5.65
N TRP B 39 -15.90 15.60 5.58
CA TRP B 39 -15.20 15.62 4.29
C TRP B 39 -15.39 14.36 3.47
N CYS B 40 -15.99 13.34 4.08
CA CYS B 40 -16.18 12.07 3.40
C CYS B 40 -17.45 12.03 2.54
N GLY B 41 -17.27 12.09 1.23
CA GLY B 41 -18.37 12.07 0.29
C GLY B 41 -19.40 10.97 0.52
N PRO B 42 -18.96 9.72 0.71
CA PRO B 42 -19.97 8.67 0.93
C PRO B 42 -20.89 8.97 2.12
N CYS B 43 -20.39 9.71 3.11
CA CYS B 43 -21.22 10.05 4.26
C CYS B 43 -22.44 10.88 3.87
N ARG B 44 -22.36 11.61 2.76
CA ARG B 44 -23.49 12.42 2.32
C ARG B 44 -24.62 11.52 1.80
N GLN B 45 -24.26 10.31 1.37
CA GLN B 45 -25.26 9.37 0.86
C GLN B 45 -25.79 8.47 1.99
N SER B 46 -24.93 8.12 2.92
CA SER B 46 -25.32 7.25 4.03
C SER B 46 -26.28 7.92 5.01
N PHE B 47 -26.22 9.24 5.14
CA PHE B 47 -27.11 9.93 6.09
C PHE B 47 -28.59 9.84 5.73
N PRO B 48 -28.96 10.16 4.49
CA PRO B 48 -30.39 10.06 4.18
C PRO B 48 -30.87 8.62 4.49
N TRP B 49 -30.06 7.63 4.12
CA TRP B 49 -30.37 6.22 4.35
C TRP B 49 -30.45 5.88 5.84
N MSE B 50 -29.53 6.41 6.64
CA MSE B 50 -29.54 6.12 8.06
C MSE B 50 -30.80 6.71 8.67
O MSE B 50 -31.38 6.15 9.59
CB MSE B 50 -28.28 6.67 8.76
CG MSE B 50 -27.01 5.83 8.47
SE MSE B 50 -25.50 6.18 9.44
CE MSE B 50 -24.88 7.58 8.61
N ASN B 51 -31.24 7.84 8.11
CA ASN B 51 -32.45 8.48 8.58
C ASN B 51 -33.64 7.58 8.25
N GLN B 52 -33.58 6.95 7.08
CA GLN B 52 -34.65 6.07 6.65
C GLN B 52 -34.73 4.84 7.58
N MSE B 53 -33.60 4.20 7.83
CA MSE B 53 -33.58 3.03 8.69
C MSE B 53 -34.04 3.36 10.10
O MSE B 53 -34.81 2.62 10.70
CB MSE B 53 -32.17 2.40 8.73
CG MSE B 53 -31.70 1.83 7.41
SE MSE B 53 -32.72 0.50 6.68
CE MSE B 53 -33.81 1.47 5.53
N GLN B 54 -33.56 4.49 10.64
CA GLN B 54 -33.92 4.90 11.98
C GLN B 54 -35.43 5.08 12.14
N ALA B 55 -36.06 5.73 11.19
CA ALA B 55 -37.50 5.96 11.26
C ALA B 55 -38.27 4.66 11.04
N LYS B 56 -37.74 3.82 10.17
CA LYS B 56 -38.40 2.56 9.86
C LYS B 56 -38.29 1.54 10.99
N TYR B 57 -37.18 1.53 11.71
CA TYR B 57 -37.01 0.54 12.76
C TYR B 57 -36.87 1.00 14.20
N LYS B 58 -37.07 2.29 14.46
CA LYS B 58 -36.92 2.75 15.83
C LYS B 58 -37.96 2.10 16.77
N ALA B 59 -39.17 1.86 16.26
CA ALA B 59 -40.21 1.24 17.08
C ALA B 59 -39.85 -0.16 17.54
N LYS B 60 -38.94 -0.81 16.81
CA LYS B 60 -38.53 -2.17 17.16
C LYS B 60 -37.30 -2.23 18.06
N GLY B 61 -36.87 -1.08 18.54
CA GLY B 61 -35.71 -1.06 19.40
C GLY B 61 -34.47 -1.05 18.52
N PHE B 62 -34.30 0.03 17.77
CA PHE B 62 -33.17 0.18 16.86
C PHE B 62 -32.66 1.61 16.97
N GLN B 63 -31.35 1.76 17.05
CA GLN B 63 -30.77 3.09 17.15
C GLN B 63 -29.53 3.26 16.28
N VAL B 64 -29.47 4.39 15.59
CA VAL B 64 -28.29 4.68 14.79
C VAL B 64 -27.50 5.59 15.71
N VAL B 65 -26.22 5.30 15.85
CA VAL B 65 -25.35 6.15 16.65
C VAL B 65 -24.23 6.51 15.69
N ALA B 66 -24.14 7.79 15.34
CA ALA B 66 -23.13 8.24 14.39
C ALA B 66 -22.03 9.06 15.04
N VAL B 67 -20.87 8.43 15.21
CA VAL B 67 -19.71 9.06 15.80
C VAL B 67 -18.92 9.87 14.76
N ASN B 68 -18.90 11.18 14.94
CA ASN B 68 -18.18 12.03 13.99
C ASN B 68 -16.70 12.12 14.31
N LEU B 69 -15.88 12.18 13.27
CA LEU B 69 -14.45 12.24 13.46
C LEU B 69 -13.76 13.47 12.88
N ASP B 70 -14.50 14.55 12.67
CA ASP B 70 -13.92 15.79 12.17
C ASP B 70 -12.97 16.38 13.22
N ALA B 71 -11.85 16.94 12.77
CA ALA B 71 -10.86 17.54 13.68
C ALA B 71 -11.51 18.57 14.60
N LYS B 72 -12.49 19.29 14.05
CA LYS B 72 -13.22 20.30 14.82
C LYS B 72 -14.70 19.96 14.78
N THR B 73 -15.34 19.84 15.94
CA THR B 73 -16.75 19.53 15.98
C THR B 73 -17.52 20.66 15.29
N GLY B 74 -16.96 21.87 15.33
CA GLY B 74 -17.58 23.00 14.69
C GLY B 74 -17.83 22.71 13.22
N ASP B 75 -16.88 22.05 12.57
CA ASP B 75 -17.06 21.73 11.17
C ASP B 75 -18.16 20.69 10.96
N ALA B 76 -18.24 19.73 11.88
CA ALA B 76 -19.28 18.72 11.81
C ALA B 76 -20.64 19.40 12.00
N MSE B 77 -20.69 20.35 12.93
CA MSE B 77 -21.95 21.08 13.18
C MSE B 77 -22.40 21.75 11.88
O MSE B 77 -23.60 21.81 11.60
CB MSE B 77 -21.77 22.12 14.28
CG MSE B 77 -21.62 21.57 15.72
SE MSE B 77 -22.97 20.49 16.32
CE MSE B 77 -24.30 21.63 16.43
N LYS B 78 -21.45 22.25 11.11
CA LYS B 78 -21.76 22.91 9.83
C LYS B 78 -22.43 21.88 8.93
N PHE B 79 -21.83 20.70 8.87
CA PHE B 79 -22.33 19.61 8.05
C PHE B 79 -23.76 19.27 8.48
N LEU B 80 -23.96 19.11 9.78
CA LEU B 80 -25.27 18.77 10.33
C LEU B 80 -26.29 19.89 10.16
N ALA B 81 -25.83 21.12 10.01
CA ALA B 81 -26.74 22.24 9.83
C ALA B 81 -27.36 22.14 8.44
N GLN B 82 -26.63 21.50 7.53
CA GLN B 82 -27.09 21.32 6.15
C GLN B 82 -27.70 19.95 5.92
N VAL B 83 -27.20 18.95 6.64
CA VAL B 83 -27.69 17.58 6.46
C VAL B 83 -28.44 17.05 7.68
N PRO B 84 -29.71 16.70 7.50
CA PRO B 84 -30.50 16.18 8.62
C PRO B 84 -29.94 14.88 9.19
N ALA B 85 -29.88 14.80 10.51
CA ALA B 85 -29.39 13.61 11.21
C ALA B 85 -30.40 13.36 12.33
N GLU B 86 -31.38 12.52 12.04
CA GLU B 86 -32.45 12.22 12.97
C GLU B 86 -32.12 11.02 13.85
N PHE B 87 -30.92 11.03 14.37
CA PHE B 87 -30.41 9.97 15.23
C PHE B 87 -29.30 10.52 16.11
N THR B 88 -28.85 9.72 17.07
CA THR B 88 -27.81 10.11 17.99
C THR B 88 -26.47 10.38 17.30
N VAL B 89 -25.88 11.53 17.60
CA VAL B 89 -24.61 11.89 17.01
C VAL B 89 -23.61 12.13 18.12
N ALA B 90 -22.41 11.56 17.99
CA ALA B 90 -21.37 11.76 18.99
C ALA B 90 -20.18 12.41 18.29
N PHE B 91 -19.35 13.13 19.03
CA PHE B 91 -18.20 13.81 18.46
C PHE B 91 -16.92 13.31 19.10
N ASP B 92 -16.00 12.79 18.30
CA ASP B 92 -14.73 12.26 18.79
C ASP B 92 -13.58 12.96 18.08
N PRO B 93 -13.40 14.26 18.33
CA PRO B 93 -12.30 15.01 17.69
C PRO B 93 -10.90 14.42 17.84
N LYS B 94 -10.65 13.73 18.95
CA LYS B 94 -9.33 13.12 19.15
C LYS B 94 -9.19 11.80 18.39
N GLY B 95 -10.29 11.26 17.90
CA GLY B 95 -10.26 10.02 17.15
C GLY B 95 -9.84 8.83 17.99
N GLN B 96 -10.32 8.80 19.23
CA GLN B 96 -9.99 7.71 20.15
C GLN B 96 -10.79 6.43 19.90
N THR B 97 -12.10 6.56 19.68
CA THR B 97 -12.93 5.37 19.47
C THR B 97 -12.64 4.55 18.22
N PRO B 98 -12.38 5.19 17.07
CA PRO B 98 -12.10 4.37 15.89
C PRO B 98 -10.93 3.41 16.05
N ARG B 99 -9.96 3.78 16.88
CA ARG B 99 -8.81 2.92 17.10
C ARG B 99 -9.26 1.71 17.92
N LEU B 100 -10.06 1.98 18.94
CA LEU B 100 -10.58 0.93 19.81
C LEU B 100 -11.34 -0.10 18.99
N TYR B 101 -12.07 0.37 17.98
CA TYR B 101 -12.84 -0.53 17.11
C TYR B 101 -12.08 -1.11 15.95
N GLY B 102 -10.82 -0.74 15.81
CA GLY B 102 -10.05 -1.25 14.69
C GLY B 102 -10.58 -0.72 13.37
N VAL B 103 -11.07 0.51 13.35
CA VAL B 103 -11.58 1.11 12.12
C VAL B 103 -10.42 1.23 11.14
N LYS B 104 -10.64 0.82 9.89
CA LYS B 104 -9.58 0.88 8.88
C LYS B 104 -9.99 1.59 7.61
N GLY B 105 -11.17 2.20 7.63
CA GLY B 105 -11.64 2.90 6.45
C GLY B 105 -12.68 3.92 6.83
N MSE B 106 -12.94 4.89 5.95
CA MSE B 106 -13.92 5.92 6.22
C MSE B 106 -14.89 6.05 5.06
O MSE B 106 -14.49 6.32 3.94
CB MSE B 106 -13.21 7.24 6.49
CG MSE B 106 -12.48 7.25 7.83
SE MSE B 106 -13.65 7.13 9.21
CE MSE B 106 -14.40 8.75 9.06
N PRO B 107 -16.19 5.84 5.32
CA PRO B 107 -16.67 5.51 6.66
C PRO B 107 -16.55 4.02 6.99
N THR B 108 -16.88 3.67 8.23
CA THR B 108 -16.91 2.28 8.67
C THR B 108 -18.07 2.22 9.64
N SER B 109 -18.93 1.22 9.49
CA SER B 109 -20.07 1.09 10.39
C SER B 109 -20.07 -0.30 11.02
N PHE B 110 -20.69 -0.41 12.19
CA PHE B 110 -20.80 -1.67 12.93
C PHE B 110 -22.25 -1.90 13.32
N LEU B 111 -22.72 -3.14 13.18
CA LEU B 111 -24.07 -3.49 13.61
C LEU B 111 -23.83 -4.24 14.91
N ILE B 112 -24.40 -3.72 15.99
CA ILE B 112 -24.24 -4.31 17.32
C ILE B 112 -25.60 -4.83 17.84
N ASP B 113 -25.62 -6.10 18.27
CA ASP B 113 -26.86 -6.71 18.76
C ASP B 113 -27.34 -6.20 20.11
N ARG B 114 -28.58 -6.56 20.44
CA ARG B 114 -29.19 -6.14 21.70
C ARG B 114 -28.33 -6.44 22.92
N ASN B 115 -27.34 -7.33 22.76
CA ASN B 115 -26.46 -7.68 23.86
C ASN B 115 -25.18 -6.85 23.89
N GLY B 116 -24.99 -6.02 22.88
CA GLY B 116 -23.80 -5.19 22.84
C GLY B 116 -22.60 -5.88 22.21
N LYS B 117 -22.88 -6.90 21.42
CA LYS B 117 -21.83 -7.64 20.74
C LYS B 117 -21.83 -7.31 19.25
N VAL B 118 -20.65 -7.29 18.66
CA VAL B 118 -20.50 -6.97 17.25
C VAL B 118 -21.09 -8.05 16.35
N LEU B 119 -21.91 -7.63 15.40
CA LEU B 119 -22.51 -8.55 14.45
C LEU B 119 -21.85 -8.42 13.08
N LEU B 120 -21.33 -7.22 12.78
CA LEU B 120 -20.67 -7.00 11.51
C LEU B 120 -19.91 -5.69 11.46
N GLN B 121 -18.92 -5.63 10.58
CA GLN B 121 -18.11 -4.44 10.38
C GLN B 121 -18.19 -4.13 8.89
N HIS B 122 -18.72 -2.96 8.54
CA HIS B 122 -18.89 -2.57 7.16
C HIS B 122 -18.03 -1.37 6.77
N VAL B 123 -17.15 -1.57 5.79
CA VAL B 123 -16.29 -0.50 5.37
C VAL B 123 -16.85 0.20 4.14
N GLY B 124 -16.76 1.53 4.12
CA GLY B 124 -17.26 2.31 3.00
C GLY B 124 -18.77 2.34 2.89
N PHE B 125 -19.28 3.04 1.90
CA PHE B 125 -20.73 3.10 1.70
C PHE B 125 -21.07 3.52 0.28
N ARG B 126 -21.87 2.70 -0.37
CA ARG B 126 -22.33 2.95 -1.72
C ARG B 126 -23.75 2.43 -1.76
N PRO B 127 -24.62 3.08 -2.55
CA PRO B 127 -26.02 2.68 -2.69
C PRO B 127 -26.24 1.18 -2.77
N ALA B 128 -25.27 0.47 -3.34
CA ALA B 128 -25.38 -0.98 -3.48
C ALA B 128 -25.29 -1.69 -2.12
N ASP B 129 -24.88 -0.97 -1.08
CA ASP B 129 -24.76 -1.56 0.25
C ASP B 129 -26.09 -1.59 1.02
N LYS B 130 -26.99 -0.67 0.67
CA LYS B 130 -28.29 -0.54 1.35
C LYS B 130 -29.14 -1.77 1.57
N GLU B 131 -29.33 -2.57 0.53
CA GLU B 131 -30.18 -3.76 0.63
C GLU B 131 -29.65 -4.84 1.57
N ALA B 132 -28.36 -5.16 1.47
CA ALA B 132 -27.76 -6.17 2.33
C ALA B 132 -27.72 -5.70 3.77
N LEU B 133 -27.36 -4.42 3.96
CA LEU B 133 -27.30 -3.85 5.30
C LEU B 133 -28.67 -3.84 5.98
N GLU B 134 -29.73 -3.50 5.25
CA GLU B 134 -31.05 -3.48 5.85
C GLU B 134 -31.45 -4.91 6.21
N GLN B 135 -31.01 -5.87 5.40
CA GLN B 135 -31.30 -7.27 5.68
C GLN B 135 -30.68 -7.66 7.02
N GLN B 136 -29.46 -7.19 7.26
CA GLN B 136 -28.75 -7.47 8.50
C GLN B 136 -29.47 -6.83 9.68
N ILE B 137 -29.94 -5.61 9.47
CA ILE B 137 -30.66 -4.88 10.49
C ILE B 137 -31.93 -5.62 10.86
N LEU B 138 -32.71 -5.97 9.84
CA LEU B 138 -33.96 -6.69 10.02
C LEU B 138 -33.76 -7.99 10.80
N ALA B 139 -32.70 -8.73 10.48
CA ALA B 139 -32.43 -9.99 11.17
C ALA B 139 -32.12 -9.74 12.66
N ALA B 140 -31.26 -8.77 12.92
CA ALA B 140 -30.85 -8.45 14.29
C ALA B 140 -32.01 -7.99 15.18
N LEU B 141 -33.04 -7.43 14.56
CA LEU B 141 -34.19 -6.94 15.32
C LEU B 141 -35.12 -8.06 15.74
N GLY B 142 -34.86 -9.25 15.22
CA GLY B 142 -35.72 -10.37 15.54
C GLY B 142 -36.69 -10.47 14.39
N GLY B 143 -36.16 -10.29 13.18
CA GLY B 143 -36.96 -10.37 11.97
C GLY B 143 -38.31 -9.67 12.00
N ASP C 4 -4.29 30.61 7.92
CA ASP C 4 -3.66 29.26 7.94
C ASP C 4 -2.41 29.29 7.05
N LYS C 5 -2.41 30.26 6.12
CA LYS C 5 -1.29 30.47 5.21
C LYS C 5 -0.09 30.83 6.08
N GLY C 6 0.91 29.97 6.12
CA GLY C 6 2.09 30.25 6.93
C GLY C 6 2.39 29.21 7.99
N ASP C 7 1.41 28.43 8.40
CA ASP C 7 1.66 27.40 9.40
C ASP C 7 2.60 26.32 8.86
N LYS C 8 3.05 25.45 9.74
CA LYS C 8 3.92 24.35 9.37
C LYS C 8 3.01 23.21 8.95
N ALA C 9 3.23 22.67 7.75
CA ALA C 9 2.40 21.56 7.28
C ALA C 9 2.70 20.31 8.11
N PRO C 10 1.66 19.73 8.74
CA PRO C 10 1.82 18.52 9.56
C PRO C 10 2.56 17.43 8.80
N ASP C 11 3.44 16.71 9.50
CA ASP C 11 4.19 15.64 8.87
C ASP C 11 3.38 14.35 8.93
N PHE C 12 3.79 13.34 8.19
CA PHE C 12 3.08 12.08 8.21
C PHE C 12 3.89 10.97 7.56
N ALA C 13 3.54 9.73 7.89
CA ALA C 13 4.19 8.54 7.36
C ALA C 13 3.08 7.60 6.93
N LEU C 14 2.85 7.52 5.63
CA LEU C 14 1.80 6.68 5.10
C LEU C 14 2.34 5.64 4.14
N PRO C 15 1.58 4.55 3.98
CA PRO C 15 2.09 3.53 3.06
C PRO C 15 1.99 4.06 1.64
N GLY C 16 3.04 3.83 0.87
CA GLY C 16 3.08 4.24 -0.51
C GLY C 16 2.97 2.95 -1.30
N LYS C 17 3.13 3.03 -2.61
CA LYS C 17 3.03 1.85 -3.44
C LYS C 17 4.33 1.04 -3.43
N THR C 18 5.42 1.64 -2.97
CA THR C 18 6.70 0.94 -2.94
C THR C 18 7.53 1.33 -1.74
N GLY C 19 6.88 1.64 -0.62
CA GLY C 19 7.58 2.02 0.59
C GLY C 19 6.79 3.01 1.42
N VAL C 20 7.44 3.64 2.39
CA VAL C 20 6.77 4.62 3.25
C VAL C 20 6.94 6.03 2.68
N VAL C 21 5.82 6.76 2.61
CA VAL C 21 5.81 8.12 2.08
C VAL C 21 5.77 9.13 3.22
N LYS C 22 6.76 10.02 3.25
CA LYS C 22 6.82 11.05 4.29
C LYS C 22 6.93 12.44 3.68
N LEU C 23 6.15 13.38 4.19
CA LEU C 23 6.21 14.75 3.68
C LEU C 23 7.60 15.32 3.94
N SER C 24 8.21 14.91 5.05
CA SER C 24 9.53 15.39 5.45
C SER C 24 10.62 15.02 4.44
N ASP C 25 10.33 14.04 3.59
CA ASP C 25 11.31 13.64 2.59
C ASP C 25 11.35 14.62 1.42
N LYS C 26 10.37 15.50 1.35
CA LYS C 26 10.29 16.48 0.27
C LYS C 26 10.77 17.87 0.67
N THR C 27 11.41 17.98 1.84
CA THR C 27 11.89 19.27 2.29
C THR C 27 12.83 19.90 1.27
N GLY C 28 12.65 21.19 1.01
CA GLY C 28 13.48 21.87 0.04
C GLY C 28 12.79 22.01 -1.31
N SER C 29 11.71 21.27 -1.50
CA SER C 29 10.95 21.31 -2.75
C SER C 29 9.57 21.89 -2.50
N VAL C 30 8.97 22.46 -3.53
CA VAL C 30 7.62 22.98 -3.39
C VAL C 30 6.80 21.71 -3.49
N VAL C 31 5.79 21.58 -2.64
CA VAL C 31 4.95 20.40 -2.59
C VAL C 31 3.48 20.72 -2.77
N TYR C 32 2.86 20.05 -3.74
CA TYR C 32 1.43 20.21 -3.97
C TYR C 32 0.86 18.97 -3.31
N LEU C 33 0.32 19.12 -2.10
CA LEU C 33 -0.24 17.97 -1.38
C LEU C 33 -1.70 17.86 -1.76
N ASP C 34 -2.09 16.72 -2.31
CA ASP C 34 -3.47 16.54 -2.74
C ASP C 34 -4.19 15.41 -2.00
N PHE C 35 -5.45 15.66 -1.65
CA PHE C 35 -6.27 14.67 -0.97
C PHE C 35 -7.33 14.30 -1.99
N TRP C 36 -7.35 13.02 -2.36
CA TRP C 36 -8.28 12.57 -3.38
C TRP C 36 -8.86 11.22 -3.03
N ALA C 37 -9.88 10.81 -3.80
CA ALA C 37 -10.54 9.52 -3.63
C ALA C 37 -11.28 9.11 -4.92
N SER C 38 -11.42 7.81 -5.14
CA SER C 38 -12.11 7.33 -6.34
C SER C 38 -13.54 7.85 -6.42
N TRP C 39 -14.18 7.96 -5.26
CA TRP C 39 -15.55 8.46 -5.24
C TRP C 39 -15.65 9.96 -5.45
N CYS C 40 -14.51 10.62 -5.62
CA CYS C 40 -14.48 12.06 -5.84
C CYS C 40 -14.36 12.36 -7.35
N GLY C 41 -15.47 12.78 -7.95
CA GLY C 41 -15.49 13.07 -9.37
C GLY C 41 -14.46 14.05 -9.90
N PRO C 42 -14.31 15.23 -9.28
CA PRO C 42 -13.33 16.23 -9.71
C PRO C 42 -11.90 15.71 -9.86
N CYS C 43 -11.61 14.56 -9.25
CA CYS C 43 -10.28 14.00 -9.32
C CYS C 43 -9.97 13.45 -10.71
N ARG C 44 -11.02 13.14 -11.46
CA ARG C 44 -10.83 12.63 -12.82
C ARG C 44 -10.18 13.73 -13.66
N GLN C 45 -10.46 14.99 -13.31
CA GLN C 45 -9.88 16.12 -14.04
C GLN C 45 -8.55 16.54 -13.42
N SER C 46 -8.49 16.52 -12.09
CA SER C 46 -7.29 16.94 -11.37
C SER C 46 -6.06 16.11 -11.73
N PHE C 47 -6.22 14.80 -11.82
CA PHE C 47 -5.10 13.92 -12.11
C PHE C 47 -4.32 14.23 -13.39
N PRO C 48 -4.99 14.25 -14.55
CA PRO C 48 -4.20 14.54 -15.74
C PRO C 48 -3.51 15.90 -15.62
N TRP C 49 -4.17 16.86 -14.98
CA TRP C 49 -3.60 18.19 -14.80
C TRP C 49 -2.38 18.10 -13.87
N MSE C 50 -2.49 17.33 -12.79
CA MSE C 50 -1.38 17.20 -11.85
C MSE C 50 -0.19 16.53 -12.54
O MSE C 50 0.96 16.75 -12.16
CB MSE C 50 -1.79 16.42 -10.58
CG MSE C 50 -2.75 17.18 -9.66
SE MSE C 50 -3.08 16.42 -8.02
CE MSE C 50 -3.94 14.91 -8.51
N ASN C 51 -0.49 15.72 -13.55
CA ASN C 51 0.55 15.03 -14.31
C ASN C 51 1.31 16.06 -15.17
N GLN C 52 0.58 17.03 -15.71
CA GLN C 52 1.22 18.06 -16.53
C GLN C 52 2.06 18.96 -15.65
N MSE C 53 1.47 19.41 -14.53
CA MSE C 53 2.18 20.27 -13.60
C MSE C 53 3.44 19.58 -13.10
O MSE C 53 4.53 20.13 -13.21
CB MSE C 53 1.28 20.66 -12.42
CG MSE C 53 0.10 21.56 -12.78
SE MSE C 53 0.52 23.12 -13.64
CE MSE C 53 0.53 22.55 -15.37
N GLN C 54 3.31 18.36 -12.59
CA GLN C 54 4.47 17.64 -12.09
C GLN C 54 5.59 17.56 -13.12
N ALA C 55 5.25 17.21 -14.36
CA ALA C 55 6.24 17.10 -15.43
C ALA C 55 6.84 18.46 -15.78
N LYS C 56 5.97 19.44 -15.95
CA LYS C 56 6.37 20.79 -16.32
C LYS C 56 7.29 21.51 -15.34
N TYR C 57 7.02 21.37 -14.04
CA TYR C 57 7.81 22.06 -13.04
C TYR C 57 8.71 21.20 -12.19
N LYS C 58 8.85 19.92 -12.53
CA LYS C 58 9.69 19.02 -11.76
C LYS C 58 11.14 19.51 -11.68
N ALA C 59 11.68 19.90 -12.82
CA ALA C 59 13.06 20.38 -12.93
C ALA C 59 13.38 21.52 -11.96
N LYS C 60 12.38 22.34 -11.65
CA LYS C 60 12.56 23.48 -10.76
C LYS C 60 12.36 23.16 -9.27
N GLY C 61 12.14 21.88 -8.93
CA GLY C 61 11.93 21.51 -7.54
C GLY C 61 10.48 21.40 -7.08
N PHE C 62 9.61 20.96 -7.98
CA PHE C 62 8.19 20.83 -7.69
C PHE C 62 7.82 19.35 -7.53
N GLN C 63 7.04 19.04 -6.50
CA GLN C 63 6.65 17.66 -6.24
C GLN C 63 5.20 17.48 -5.81
N VAL C 64 4.49 16.61 -6.52
CA VAL C 64 3.10 16.32 -6.20
C VAL C 64 3.02 15.10 -5.30
N VAL C 65 2.26 15.22 -4.22
CA VAL C 65 2.04 14.11 -3.29
C VAL C 65 0.53 13.97 -3.17
N ALA C 66 -0.01 12.90 -3.73
CA ALA C 66 -1.46 12.69 -3.72
C ALA C 66 -1.89 11.61 -2.72
N VAL C 67 -2.49 12.06 -1.62
CA VAL C 67 -2.95 11.17 -0.56
C VAL C 67 -4.35 10.64 -0.82
N ASN C 68 -4.46 9.34 -1.03
CA ASN C 68 -5.76 8.72 -1.29
C ASN C 68 -6.51 8.49 0.01
N LEU C 69 -7.82 8.73 -0.03
CA LEU C 69 -8.68 8.56 1.12
C LEU C 69 -9.78 7.53 0.89
N ASP C 70 -9.56 6.59 -0.03
CA ASP C 70 -10.58 5.57 -0.27
C ASP C 70 -10.64 4.58 0.89
N ALA C 71 -11.84 4.24 1.32
CA ALA C 71 -12.00 3.28 2.41
C ALA C 71 -11.49 1.93 1.92
N LYS C 72 -11.70 1.68 0.63
CA LYS C 72 -11.26 0.44 0.01
C LYS C 72 -10.14 0.75 -0.99
N THR C 73 -8.95 0.23 -0.73
CA THR C 73 -7.83 0.47 -1.62
C THR C 73 -8.17 -0.07 -3.01
N GLY C 74 -8.89 -1.18 -3.04
CA GLY C 74 -9.27 -1.76 -4.32
C GLY C 74 -9.86 -0.70 -5.23
N ASP C 75 -10.65 0.21 -4.65
CA ASP C 75 -11.26 1.27 -5.46
C ASP C 75 -10.17 2.24 -5.92
N ALA C 76 -9.22 2.52 -5.04
CA ALA C 76 -8.12 3.41 -5.36
C ALA C 76 -7.32 2.84 -6.54
N MSE C 77 -6.93 1.57 -6.42
CA MSE C 77 -6.18 0.93 -7.50
C MSE C 77 -6.99 0.95 -8.79
O MSE C 77 -6.47 1.29 -9.85
CB MSE C 77 -5.83 -0.52 -7.12
CG MSE C 77 -4.92 -0.66 -5.90
SE MSE C 77 -3.36 0.24 -6.03
CE MSE C 77 -2.25 -1.08 -6.53
N LYS C 78 -8.28 0.61 -8.71
CA LYS C 78 -9.14 0.63 -9.88
C LYS C 78 -9.02 1.98 -10.57
N PHE C 79 -9.06 3.04 -9.77
CA PHE C 79 -8.96 4.40 -10.27
C PHE C 79 -7.61 4.65 -10.93
N LEU C 80 -6.52 4.26 -10.26
CA LEU C 80 -5.19 4.49 -10.81
C LEU C 80 -4.94 3.65 -12.06
N ALA C 81 -5.64 2.52 -12.18
CA ALA C 81 -5.48 1.67 -13.35
C ALA C 81 -6.01 2.40 -14.58
N GLN C 82 -7.00 3.27 -14.36
CA GLN C 82 -7.62 4.04 -15.43
C GLN C 82 -6.97 5.41 -15.59
N VAL C 83 -6.74 6.08 -14.47
CA VAL C 83 -6.16 7.41 -14.46
C VAL C 83 -4.72 7.37 -14.00
N PRO C 84 -3.77 7.40 -14.95
CA PRO C 84 -2.35 7.37 -14.60
C PRO C 84 -1.92 8.55 -13.74
N ALA C 85 -1.10 8.23 -12.73
CA ALA C 85 -0.59 9.21 -11.79
C ALA C 85 0.93 9.16 -11.85
N GLU C 86 1.52 10.11 -12.56
CA GLU C 86 2.96 10.17 -12.71
C GLU C 86 3.56 10.98 -11.57
N PHE C 87 3.14 10.68 -10.35
CA PHE C 87 3.65 11.37 -9.18
C PHE C 87 3.47 10.48 -7.94
N THR C 88 4.07 10.89 -6.84
CA THR C 88 3.98 10.13 -5.60
C THR C 88 2.53 9.97 -5.13
N VAL C 89 2.16 8.75 -4.77
CA VAL C 89 0.83 8.48 -4.27
C VAL C 89 0.94 7.80 -2.91
N ALA C 90 0.10 8.20 -1.97
CA ALA C 90 0.11 7.60 -0.65
C ALA C 90 -1.31 7.22 -0.30
N PHE C 91 -1.44 6.28 0.64
CA PHE C 91 -2.73 5.77 1.04
C PHE C 91 -3.00 6.01 2.52
N ASP C 92 -4.17 6.52 2.83
CA ASP C 92 -4.54 6.82 4.20
C ASP C 92 -6.02 6.50 4.41
N PRO C 93 -6.40 5.22 4.28
CA PRO C 93 -7.80 4.82 4.45
C PRO C 93 -8.42 5.21 5.79
N LYS C 94 -7.60 5.23 6.84
CA LYS C 94 -8.09 5.59 8.15
C LYS C 94 -8.44 7.08 8.26
N GLY C 95 -7.91 7.90 7.36
CA GLY C 95 -8.21 9.33 7.41
C GLY C 95 -7.42 10.10 8.46
N GLN C 96 -6.23 9.60 8.76
CA GLN C 96 -5.38 10.24 9.73
C GLN C 96 -4.90 11.63 9.27
N THR C 97 -4.40 11.72 8.04
CA THR C 97 -3.91 13.00 7.54
C THR C 97 -4.99 14.05 7.29
N PRO C 98 -6.13 13.67 6.68
CA PRO C 98 -7.15 14.69 6.47
C PRO C 98 -7.59 15.31 7.79
N ARG C 99 -7.52 14.52 8.86
CA ARG C 99 -7.89 15.00 10.19
C ARG C 99 -6.84 16.00 10.65
N LEU C 100 -5.57 15.69 10.38
CA LEU C 100 -4.47 16.55 10.77
C LEU C 100 -4.50 17.87 10.01
N TYR C 101 -4.84 17.80 8.72
CA TYR C 101 -4.89 19.00 7.89
C TYR C 101 -6.20 19.76 7.91
N GLY C 102 -7.17 19.28 8.69
CA GLY C 102 -8.45 19.96 8.76
C GLY C 102 -9.19 19.99 7.44
N VAL C 103 -9.08 18.92 6.66
CA VAL C 103 -9.77 18.85 5.38
C VAL C 103 -11.28 18.90 5.63
N LYS C 104 -11.97 19.83 4.96
CA LYS C 104 -13.40 19.98 5.15
C LYS C 104 -14.23 19.76 3.89
N GLY C 105 -13.55 19.46 2.79
CA GLY C 105 -14.24 19.23 1.54
C GLY C 105 -13.33 18.47 0.58
N MSE C 106 -13.91 17.94 -0.50
CA MSE C 106 -13.10 17.19 -1.46
C MSE C 106 -13.35 17.56 -2.92
O MSE C 106 -14.47 17.85 -3.33
CB MSE C 106 -13.31 15.69 -1.24
CG MSE C 106 -12.74 15.16 0.07
SE MSE C 106 -10.93 15.04 0.05
CE MSE C 106 -10.74 13.52 -0.83
N PRO C 107 -12.28 17.59 -3.74
CA PRO C 107 -10.94 17.29 -3.22
C PRO C 107 -10.38 18.53 -2.53
N THR C 108 -9.29 18.36 -1.80
CA THR C 108 -8.64 19.50 -1.15
C THR C 108 -7.14 19.34 -1.41
N SER C 109 -6.48 20.45 -1.73
CA SER C 109 -5.06 20.41 -1.98
C SER C 109 -4.38 21.52 -1.20
N PHE C 110 -3.08 21.35 -0.95
CA PHE C 110 -2.30 22.35 -0.23
C PHE C 110 -1.03 22.60 -1.02
N LEU C 111 -0.71 23.86 -1.28
CA LEU C 111 0.56 24.16 -1.95
C LEU C 111 1.45 24.47 -0.76
N ILE C 112 2.60 23.80 -0.68
CA ILE C 112 3.51 24.00 0.45
C ILE C 112 4.87 24.49 -0.05
N ASP C 113 5.44 25.49 0.62
CA ASP C 113 6.74 26.01 0.20
C ASP C 113 7.89 25.07 0.57
N ARG C 114 9.07 25.38 0.05
CA ARG C 114 10.28 24.58 0.27
C ARG C 114 10.62 24.43 1.77
N ASN C 115 10.06 25.30 2.59
CA ASN C 115 10.31 25.23 4.03
C ASN C 115 9.22 24.47 4.77
N GLY C 116 8.39 23.74 4.02
CA GLY C 116 7.33 22.95 4.64
C GLY C 116 6.21 23.75 5.26
N LYS C 117 5.96 24.95 4.74
CA LYS C 117 4.89 25.79 5.27
C LYS C 117 3.78 26.00 4.26
N VAL C 118 2.54 26.05 4.75
CA VAL C 118 1.39 26.24 3.88
C VAL C 118 1.41 27.58 3.14
N LEU C 119 1.08 27.52 1.85
CA LEU C 119 1.02 28.71 1.03
C LEU C 119 -0.45 28.92 0.67
N LEU C 120 -1.18 27.81 0.62
CA LEU C 120 -2.60 27.89 0.28
C LEU C 120 -3.32 26.57 0.47
N GLN C 121 -4.64 26.67 0.63
CA GLN C 121 -5.48 25.50 0.78
C GLN C 121 -6.52 25.69 -0.31
N HIS C 122 -6.64 24.73 -1.20
CA HIS C 122 -7.61 24.82 -2.28
C HIS C 122 -8.63 23.70 -2.21
N VAL C 123 -9.90 24.09 -2.08
CA VAL C 123 -10.98 23.13 -1.99
C VAL C 123 -11.68 23.03 -3.34
N GLY C 124 -11.88 21.79 -3.79
CA GLY C 124 -12.54 21.56 -5.07
C GLY C 124 -11.58 21.63 -6.24
N PHE C 125 -12.12 21.35 -7.43
CA PHE C 125 -11.33 21.41 -8.64
C PHE C 125 -12.22 21.53 -9.87
N ARG C 126 -12.08 22.66 -10.57
CA ARG C 126 -12.83 22.92 -11.78
C ARG C 126 -11.88 23.58 -12.78
N PRO C 127 -12.13 23.40 -14.09
CA PRO C 127 -11.30 23.96 -15.15
C PRO C 127 -10.79 25.38 -14.89
N ALA C 128 -11.62 26.20 -14.27
CA ALA C 128 -11.26 27.59 -13.97
C ALA C 128 -10.18 27.70 -12.91
N ASP C 129 -9.94 26.61 -12.18
CA ASP C 129 -8.92 26.62 -11.12
C ASP C 129 -7.52 26.44 -11.68
N LYS C 130 -7.42 25.66 -12.76
CA LYS C 130 -6.14 25.37 -13.37
C LYS C 130 -5.20 26.56 -13.57
N GLU C 131 -5.65 27.59 -14.27
CA GLU C 131 -4.78 28.74 -14.49
C GLU C 131 -4.38 29.36 -13.15
N ALA C 132 -5.35 29.59 -12.29
CA ALA C 132 -5.11 30.17 -10.98
C ALA C 132 -4.03 29.37 -10.27
N LEU C 133 -4.29 28.08 -10.06
CA LEU C 133 -3.34 27.22 -9.38
C LEU C 133 -1.95 27.20 -10.02
N GLU C 134 -1.90 27.08 -11.34
CA GLU C 134 -0.61 27.03 -12.01
C GLU C 134 0.19 28.31 -11.73
N GLN C 135 -0.52 29.44 -11.62
CA GLN C 135 0.15 30.71 -11.35
C GLN C 135 0.71 30.63 -9.92
N GLN C 136 -0.08 30.08 -9.00
CA GLN C 136 0.36 29.93 -7.62
C GLN C 136 1.60 29.03 -7.58
N ILE C 137 1.59 27.99 -8.42
CA ILE C 137 2.72 27.07 -8.49
C ILE C 137 3.93 27.83 -9.02
N LEU C 138 3.73 28.54 -10.13
CA LEU C 138 4.79 29.30 -10.77
C LEU C 138 5.37 30.31 -9.76
N ALA C 139 4.48 31.00 -9.05
CA ALA C 139 4.91 31.98 -8.05
C ALA C 139 5.77 31.33 -6.97
N ALA C 140 5.39 30.14 -6.55
CA ALA C 140 6.13 29.40 -5.54
C ALA C 140 7.48 28.97 -6.07
N LEU C 141 7.64 28.99 -7.39
CA LEU C 141 8.89 28.60 -8.02
C LEU C 141 9.56 29.80 -8.69
N LYS D 5 18.14 -20.49 13.14
CA LYS D 5 17.31 -20.92 14.32
C LYS D 5 17.90 -20.40 15.63
N GLY D 6 17.16 -19.49 16.27
CA GLY D 6 17.62 -18.91 17.52
C GLY D 6 18.33 -17.60 17.30
N ASP D 7 18.61 -17.30 16.03
CA ASP D 7 19.32 -16.09 15.63
C ASP D 7 18.73 -14.77 16.13
N LYS D 8 17.54 -14.44 15.63
CA LYS D 8 16.80 -13.22 15.93
C LYS D 8 16.38 -12.56 14.61
N ALA D 9 15.09 -12.58 14.32
CA ALA D 9 14.56 -12.02 13.08
C ALA D 9 14.69 -10.51 12.93
N PRO D 10 15.31 -10.04 11.83
CA PRO D 10 15.50 -8.61 11.55
C PRO D 10 14.15 -7.88 11.46
N ASP D 11 14.10 -6.66 11.99
CA ASP D 11 12.87 -5.90 11.96
C ASP D 11 12.71 -5.20 10.61
N PHE D 12 11.59 -4.51 10.43
CA PHE D 12 11.33 -3.79 9.19
C PHE D 12 10.08 -2.93 9.29
N ALA D 13 9.98 -1.96 8.39
CA ALA D 13 8.85 -1.05 8.31
C ALA D 13 8.39 -1.04 6.87
N LEU D 14 7.34 -1.82 6.58
CA LEU D 14 6.82 -1.92 5.23
C LEU D 14 5.43 -1.33 5.11
N PRO D 15 5.08 -0.84 3.91
CA PRO D 15 3.74 -0.29 3.74
C PRO D 15 2.74 -1.42 3.81
N GLY D 16 1.62 -1.14 4.46
CA GLY D 16 0.58 -2.13 4.58
C GLY D 16 -0.65 -1.66 3.85
N LYS D 17 -1.70 -2.45 3.95
CA LYS D 17 -2.98 -2.15 3.33
C LYS D 17 -3.69 -0.98 3.98
N THR D 18 -3.36 -0.71 5.25
CA THR D 18 -3.99 0.39 5.98
C THR D 18 -3.04 1.06 6.97
N GLY D 19 -1.75 1.07 6.66
CA GLY D 19 -0.75 1.67 7.52
C GLY D 19 0.62 1.00 7.40
N VAL D 20 1.54 1.34 8.30
CA VAL D 20 2.87 0.76 8.27
C VAL D 20 2.91 -0.54 9.09
N VAL D 21 3.58 -1.56 8.57
CA VAL D 21 3.68 -2.86 9.25
C VAL D 21 5.09 -3.07 9.78
N LYS D 22 5.20 -3.35 11.08
CA LYS D 22 6.49 -3.56 11.72
C LYS D 22 6.50 -4.83 12.55
N LEU D 23 7.40 -5.75 12.21
CA LEU D 23 7.50 -7.03 12.92
C LEU D 23 7.63 -6.80 14.42
N SER D 24 8.20 -5.65 14.79
CA SER D 24 8.43 -5.30 16.18
C SER D 24 7.17 -5.17 17.00
N ASP D 25 6.04 -4.90 16.35
CA ASP D 25 4.78 -4.74 17.06
C ASP D 25 4.14 -6.08 17.39
N LYS D 26 4.67 -7.15 16.79
CA LYS D 26 4.12 -8.48 17.02
C LYS D 26 4.84 -9.19 18.17
N THR D 27 5.60 -8.44 18.96
CA THR D 27 6.32 -9.04 20.07
C THR D 27 5.43 -9.66 21.14
N GLY D 28 5.89 -10.77 21.72
CA GLY D 28 5.12 -11.46 22.74
C GLY D 28 4.23 -12.51 22.14
N SER D 29 4.09 -12.47 20.81
CA SER D 29 3.26 -13.41 20.10
C SER D 29 4.11 -14.27 19.18
N VAL D 30 3.61 -15.46 18.85
CA VAL D 30 4.33 -16.33 17.93
C VAL D 30 3.99 -15.73 16.58
N VAL D 31 5.00 -15.58 15.73
CA VAL D 31 4.81 -14.99 14.41
C VAL D 31 5.17 -15.90 13.26
N TYR D 32 4.24 -16.08 12.33
CA TYR D 32 4.52 -16.89 11.16
C TYR D 32 4.77 -15.87 10.05
N LEU D 33 6.03 -15.50 9.85
CA LEU D 33 6.40 -14.53 8.84
C LEU D 33 6.46 -15.24 7.49
N ASP D 34 5.62 -14.81 6.55
CA ASP D 34 5.58 -15.45 5.24
C ASP D 34 5.94 -14.53 4.06
N PHE D 35 6.78 -15.03 3.17
CA PHE D 35 7.20 -14.30 1.97
C PHE D 35 6.49 -14.96 0.79
N TRP D 36 5.59 -14.22 0.15
CA TRP D 36 4.82 -14.74 -0.97
C TRP D 36 4.75 -13.74 -2.12
N ALA D 37 4.17 -14.18 -3.23
CA ALA D 37 4.01 -13.34 -4.40
C ALA D 37 2.95 -13.94 -5.33
N SER D 38 2.32 -13.10 -6.14
CA SER D 38 1.28 -13.57 -7.07
C SER D 38 1.81 -14.58 -8.06
N TRP D 39 3.08 -14.44 -8.46
CA TRP D 39 3.66 -15.38 -9.42
C TRP D 39 4.05 -16.71 -8.79
N CYS D 40 3.83 -16.84 -7.48
CA CYS D 40 4.20 -18.06 -6.78
C CYS D 40 3.00 -19.00 -6.64
N GLY D 41 2.97 -20.04 -7.47
CA GLY D 41 1.88 -21.00 -7.46
C GLY D 41 1.54 -21.61 -6.11
N PRO D 42 2.52 -22.10 -5.35
CA PRO D 42 2.29 -22.72 -4.03
C PRO D 42 1.57 -21.80 -3.04
N CYS D 43 1.52 -20.51 -3.36
CA CYS D 43 0.88 -19.55 -2.48
C CYS D 43 -0.64 -19.64 -2.52
N ARG D 44 -1.20 -20.10 -3.64
CA ARG D 44 -2.65 -20.24 -3.73
C ARG D 44 -3.14 -21.29 -2.75
N GLN D 45 -2.21 -22.13 -2.29
CA GLN D 45 -2.54 -23.17 -1.33
C GLN D 45 -2.25 -22.67 0.09
N SER D 46 -1.04 -22.17 0.29
CA SER D 46 -0.60 -21.67 1.59
C SER D 46 -1.55 -20.64 2.20
N PHE D 47 -2.25 -19.89 1.37
CA PHE D 47 -3.16 -18.87 1.88
C PHE D 47 -4.39 -19.42 2.58
N PRO D 48 -5.21 -20.24 1.89
CA PRO D 48 -6.39 -20.76 2.59
C PRO D 48 -5.93 -21.38 3.90
N TRP D 49 -4.82 -22.11 3.83
CA TRP D 49 -4.24 -22.77 5.00
C TRP D 49 -3.88 -21.77 6.10
N MSE D 50 -3.12 -20.73 5.74
CA MSE D 50 -2.70 -19.72 6.71
C MSE D 50 -3.89 -19.04 7.36
O MSE D 50 -3.81 -18.57 8.50
CB MSE D 50 -1.78 -18.66 6.05
CG MSE D 50 -0.33 -19.13 5.86
SE MSE D 50 0.81 -17.88 5.14
CE MSE D 50 0.14 -17.79 3.51
N ASN D 51 -5.01 -18.98 6.65
CA ASN D 51 -6.23 -18.39 7.17
C ASN D 51 -6.72 -19.30 8.30
N GLN D 52 -6.82 -20.59 8.01
CA GLN D 52 -7.28 -21.57 8.99
C GLN D 52 -6.39 -21.47 10.22
N MSE D 53 -5.08 -21.52 10.01
CA MSE D 53 -4.15 -21.44 11.13
C MSE D 53 -4.37 -20.17 11.96
O MSE D 53 -4.62 -20.26 13.15
CB MSE D 53 -2.70 -21.48 10.64
CG MSE D 53 -2.24 -22.80 10.03
SE MSE D 53 -2.44 -24.24 11.12
CE MSE D 53 -3.72 -25.11 10.27
N GLN D 54 -4.26 -19.00 11.32
CA GLN D 54 -4.46 -17.72 12.01
C GLN D 54 -5.72 -17.71 12.86
N ALA D 55 -6.81 -18.22 12.31
CA ALA D 55 -8.06 -18.27 13.05
C ALA D 55 -7.95 -19.22 14.23
N LYS D 56 -7.52 -20.45 13.93
CA LYS D 56 -7.36 -21.52 14.91
C LYS D 56 -6.47 -21.29 16.11
N TYR D 57 -5.32 -20.63 15.93
CA TYR D 57 -4.37 -20.39 17.02
C TYR D 57 -4.19 -18.95 17.48
N LYS D 58 -4.93 -18.04 16.87
CA LYS D 58 -4.87 -16.62 17.22
C LYS D 58 -5.26 -16.38 18.67
N ALA D 59 -6.18 -17.18 19.19
CA ALA D 59 -6.61 -17.01 20.57
C ALA D 59 -5.42 -17.20 21.52
N LYS D 60 -4.55 -18.14 21.18
CA LYS D 60 -3.37 -18.44 21.98
C LYS D 60 -2.18 -17.54 21.67
N GLY D 61 -2.38 -16.51 20.84
CA GLY D 61 -1.30 -15.58 20.51
C GLY D 61 -0.51 -15.86 19.24
N PHE D 62 -1.19 -16.32 18.20
CA PHE D 62 -0.55 -16.63 16.92
C PHE D 62 -0.83 -15.48 15.96
N GLN D 63 0.23 -14.97 15.34
CA GLN D 63 0.09 -13.85 14.39
C GLN D 63 0.79 -14.11 13.07
N VAL D 64 0.02 -14.10 12.00
CA VAL D 64 0.56 -14.31 10.66
C VAL D 64 0.88 -12.97 9.99
N VAL D 65 2.09 -12.85 9.45
CA VAL D 65 2.53 -11.64 8.76
C VAL D 65 2.99 -12.06 7.36
N ALA D 66 2.17 -11.77 6.35
CA ALA D 66 2.51 -12.16 4.99
C ALA D 66 3.09 -11.02 4.14
N VAL D 67 4.42 -11.05 3.97
CA VAL D 67 5.13 -10.04 3.19
C VAL D 67 5.13 -10.38 1.70
N ASN D 68 4.39 -9.58 0.93
CA ASN D 68 4.29 -9.77 -0.52
C ASN D 68 5.53 -9.25 -1.26
N LEU D 69 5.97 -9.99 -2.26
CA LEU D 69 7.15 -9.60 -3.02
C LEU D 69 6.93 -9.37 -4.51
N ASP D 70 5.69 -9.08 -4.90
CA ASP D 70 5.39 -8.81 -6.31
C ASP D 70 5.99 -7.48 -6.76
N ALA D 71 6.57 -7.47 -7.97
CA ALA D 71 7.16 -6.24 -8.49
C ALA D 71 6.03 -5.26 -8.79
N LYS D 72 4.87 -5.79 -9.15
CA LYS D 72 3.71 -4.97 -9.46
C LYS D 72 2.61 -5.23 -8.42
N THR D 73 2.34 -4.25 -7.57
CA THR D 73 1.32 -4.41 -6.55
C THR D 73 -0.03 -4.76 -7.19
N GLY D 74 -0.29 -4.18 -8.36
CA GLY D 74 -1.53 -4.48 -9.03
C GLY D 74 -1.71 -5.99 -9.03
N ASP D 75 -0.61 -6.70 -9.29
CA ASP D 75 -0.62 -8.15 -9.32
C ASP D 75 -0.97 -8.72 -7.95
N ALA D 76 -0.43 -8.11 -6.90
CA ALA D 76 -0.70 -8.55 -5.53
C ALA D 76 -2.16 -8.35 -5.19
N MSE D 77 -2.68 -7.15 -5.48
CA MSE D 77 -4.08 -6.84 -5.20
C MSE D 77 -4.98 -7.83 -5.95
O MSE D 77 -5.94 -8.36 -5.40
CB MSE D 77 -4.40 -5.40 -5.63
CG MSE D 77 -3.69 -4.34 -4.83
SE MSE D 77 -4.03 -4.50 -3.07
CE MSE D 77 -5.53 -3.54 -2.93
N LYS D 78 -4.64 -8.05 -7.22
CA LYS D 78 -5.40 -8.98 -8.05
C LYS D 78 -5.47 -10.34 -7.35
N PHE D 79 -4.37 -10.74 -6.74
CA PHE D 79 -4.30 -12.02 -6.02
C PHE D 79 -5.16 -11.96 -4.76
N LEU D 80 -4.92 -10.97 -3.90
CA LEU D 80 -5.67 -10.81 -2.67
C LEU D 80 -7.16 -10.61 -2.92
N ALA D 81 -7.51 -10.16 -4.12
CA ALA D 81 -8.90 -9.94 -4.48
C ALA D 81 -9.58 -11.26 -4.78
N GLN D 82 -8.78 -12.29 -5.05
CA GLN D 82 -9.30 -13.62 -5.35
C GLN D 82 -9.11 -14.54 -4.14
N VAL D 83 -7.90 -14.49 -3.58
CA VAL D 83 -7.53 -15.30 -2.43
C VAL D 83 -7.53 -14.46 -1.15
N PRO D 84 -8.67 -14.43 -0.45
CA PRO D 84 -8.76 -13.65 0.80
C PRO D 84 -7.70 -14.02 1.82
N ALA D 85 -7.18 -13.01 2.51
CA ALA D 85 -6.14 -13.18 3.52
C ALA D 85 -6.57 -12.57 4.85
N GLU D 86 -6.97 -13.42 5.78
CA GLU D 86 -7.42 -12.98 7.10
C GLU D 86 -6.27 -12.69 8.04
N PHE D 87 -5.20 -12.10 7.53
CA PHE D 87 -4.06 -11.79 8.37
C PHE D 87 -3.34 -10.54 7.86
N THR D 88 -2.39 -10.06 8.65
CA THR D 88 -1.64 -8.87 8.28
C THR D 88 -0.84 -9.08 7.01
N VAL D 89 -0.92 -8.11 6.11
CA VAL D 89 -0.20 -8.18 4.84
C VAL D 89 0.67 -6.95 4.65
N ALA D 90 1.89 -7.14 4.18
CA ALA D 90 2.80 -6.03 3.94
C ALA D 90 3.32 -6.18 2.52
N PHE D 91 3.77 -5.06 1.94
CA PHE D 91 4.28 -5.09 0.57
C PHE D 91 5.71 -4.62 0.55
N ASP D 92 6.57 -5.37 -0.13
CA ASP D 92 7.98 -5.02 -0.21
C ASP D 92 8.45 -5.22 -1.65
N PRO D 93 7.86 -4.48 -2.61
CA PRO D 93 8.25 -4.63 -4.02
C PRO D 93 9.76 -4.53 -4.27
N LYS D 94 10.43 -3.67 -3.51
CA LYS D 94 11.86 -3.51 -3.68
C LYS D 94 12.62 -4.76 -3.20
N GLY D 95 11.93 -5.61 -2.44
CA GLY D 95 12.55 -6.83 -1.96
C GLY D 95 13.63 -6.64 -0.90
N GLN D 96 13.43 -5.65 -0.04
CA GLN D 96 14.37 -5.35 1.04
C GLN D 96 14.41 -6.41 2.14
N THR D 97 13.24 -6.85 2.60
CA THR D 97 13.18 -7.83 3.67
C THR D 97 13.69 -9.22 3.27
N PRO D 98 13.39 -9.68 2.05
CA PRO D 98 13.90 -11.01 1.69
C PRO D 98 15.44 -11.02 1.65
N ARG D 99 16.03 -9.85 1.45
CA ARG D 99 17.47 -9.72 1.42
C ARG D 99 18.02 -9.79 2.84
N LEU D 100 17.30 -9.17 3.77
CA LEU D 100 17.70 -9.16 5.18
C LEU D 100 17.55 -10.54 5.77
N TYR D 101 16.55 -11.29 5.29
CA TYR D 101 16.30 -12.62 5.80
C TYR D 101 16.99 -13.73 5.01
N GLY D 102 17.78 -13.36 4.02
CA GLY D 102 18.48 -14.35 3.23
C GLY D 102 17.54 -15.35 2.57
N VAL D 103 16.41 -14.86 2.05
CA VAL D 103 15.47 -15.74 1.39
C VAL D 103 16.16 -16.31 0.16
N LYS D 104 16.18 -17.63 0.05
CA LYS D 104 16.84 -18.28 -1.07
C LYS D 104 15.85 -18.93 -2.02
N GLY D 105 14.59 -18.97 -1.63
CA GLY D 105 13.58 -19.58 -2.48
C GLY D 105 12.18 -19.12 -2.14
N MSE D 106 11.20 -19.56 -2.91
CA MSE D 106 9.82 -19.17 -2.68
C MSE D 106 8.83 -20.31 -2.87
O MSE D 106 9.00 -21.17 -3.73
CB MSE D 106 9.45 -18.00 -3.60
CG MSE D 106 10.24 -16.72 -3.33
SE MSE D 106 9.74 -15.89 -1.80
CE MSE D 106 8.27 -15.21 -2.35
N PRO D 107 7.79 -20.36 -2.03
CA PRO D 107 7.60 -19.36 -0.97
C PRO D 107 8.50 -19.76 0.19
N THR D 108 8.81 -18.80 1.06
CA THR D 108 9.63 -19.07 2.23
C THR D 108 8.95 -18.47 3.47
N SER D 109 8.88 -19.26 4.54
CA SER D 109 8.24 -18.80 5.76
C SER D 109 9.17 -18.96 6.96
N PHE D 110 9.03 -18.05 7.92
CA PHE D 110 9.85 -18.06 9.13
C PHE D 110 8.94 -18.11 10.36
N LEU D 111 8.93 -19.24 11.07
CA LEU D 111 8.12 -19.32 12.27
C LEU D 111 9.01 -18.70 13.34
N ILE D 112 8.51 -17.68 14.02
CA ILE D 112 9.28 -17.00 15.06
C ILE D 112 8.59 -17.18 16.41
N ASP D 113 9.38 -17.11 17.49
CA ASP D 113 8.83 -17.26 18.83
C ASP D 113 8.57 -15.89 19.45
N ARG D 114 7.80 -15.89 20.54
CA ARG D 114 7.43 -14.67 21.24
C ARG D 114 8.63 -13.76 21.45
N ASN D 115 9.81 -14.37 21.53
CA ASN D 115 11.05 -13.62 21.69
C ASN D 115 11.65 -13.27 20.33
N GLY D 116 10.80 -13.16 19.31
CA GLY D 116 11.24 -12.82 17.97
C GLY D 116 12.64 -13.26 17.56
N LYS D 117 12.95 -14.54 17.77
CA LYS D 117 14.28 -15.03 17.44
C LYS D 117 14.44 -15.89 16.21
N VAL D 118 13.41 -16.68 15.86
CA VAL D 118 13.48 -17.59 14.70
C VAL D 118 13.58 -19.03 15.22
N LEU D 119 12.59 -19.85 14.91
CA LEU D 119 12.58 -21.24 15.33
C LEU D 119 12.63 -22.06 14.08
N LEU D 120 12.19 -21.45 13.00
CA LEU D 120 12.13 -22.16 11.75
C LEU D 120 12.13 -21.30 10.48
N GLN D 121 12.74 -21.88 9.46
CA GLN D 121 12.85 -21.30 8.13
C GLN D 121 12.38 -22.42 7.20
N HIS D 122 11.20 -22.27 6.62
CA HIS D 122 10.63 -23.29 5.74
C HIS D 122 10.47 -22.84 4.28
N VAL D 123 11.00 -23.62 3.35
CA VAL D 123 10.92 -23.27 1.92
C VAL D 123 9.89 -24.13 1.17
N GLY D 124 9.10 -23.50 0.31
CA GLY D 124 8.09 -24.21 -0.46
C GLY D 124 6.81 -24.53 0.29
N PHE D 125 5.80 -25.01 -0.44
CA PHE D 125 4.54 -25.37 0.18
C PHE D 125 3.82 -26.47 -0.60
N ARG D 126 3.70 -27.62 0.02
CA ARG D 126 3.03 -28.79 -0.55
C ARG D 126 2.12 -29.36 0.54
N PRO D 127 0.98 -29.93 0.15
CA PRO D 127 0.01 -30.51 1.10
C PRO D 127 0.63 -31.24 2.28
N ALA D 128 1.72 -31.96 2.02
CA ALA D 128 2.40 -32.72 3.07
C ALA D 128 3.17 -31.85 4.07
N ASP D 129 3.09 -30.53 3.92
CA ASP D 129 3.79 -29.64 4.85
C ASP D 129 2.88 -29.18 5.97
N LYS D 130 1.63 -28.92 5.62
CA LYS D 130 0.62 -28.45 6.55
C LYS D 130 0.67 -29.12 7.93
N GLU D 131 0.61 -30.45 7.95
CA GLU D 131 0.63 -31.17 9.22
C GLU D 131 1.84 -30.83 10.07
N ALA D 132 3.03 -31.05 9.53
CA ALA D 132 4.27 -30.77 10.25
C ALA D 132 4.29 -29.32 10.70
N LEU D 133 3.95 -28.42 9.77
CA LEU D 133 3.93 -27.00 10.06
C LEU D 133 2.96 -26.68 11.20
N GLU D 134 1.74 -27.22 11.13
CA GLU D 134 0.77 -26.96 12.19
C GLU D 134 1.33 -27.52 13.48
N GLN D 135 2.03 -28.65 13.38
CA GLN D 135 2.63 -29.28 14.55
C GLN D 135 3.69 -28.35 15.12
N GLN D 136 4.56 -27.86 14.25
CA GLN D 136 5.62 -26.96 14.68
C GLN D 136 5.00 -25.69 15.26
N ILE D 137 3.80 -25.33 14.78
CA ILE D 137 3.08 -24.16 15.26
C ILE D 137 2.53 -24.45 16.65
N LEU D 138 1.83 -25.58 16.77
CA LEU D 138 1.24 -25.99 18.03
C LEU D 138 2.33 -26.06 19.11
N ALA D 139 3.47 -26.66 18.75
CA ALA D 139 4.59 -26.79 19.67
C ALA D 139 5.04 -25.42 20.15
N ALA D 140 5.04 -24.46 19.23
CA ALA D 140 5.46 -23.10 19.54
C ALA D 140 4.43 -22.44 20.47
N LEU D 141 3.25 -23.04 20.57
CA LEU D 141 2.20 -22.52 21.41
C LEU D 141 1.94 -23.43 22.61
#